data_5XJV
#
_entry.id   5XJV
#
_cell.length_a   40.037
_cell.length_b   89.343
_cell.length_c   45.897
_cell.angle_alpha   90.00
_cell.angle_beta   89.88
_cell.angle_gamma   90.00
#
_symmetry.space_group_name_H-M   'P 1 21 1'
#
loop_
_entity.id
_entity.type
_entity.pdbx_description
1 polymer 'Dual specificity protein phosphatase 13 isoform A'
2 non-polymer 'PHOSPHATE ION'
3 water water
#
_entity_poly.entity_id   1
_entity_poly.type   'polypeptide(L)'
_entity_poly.pdbx_seq_one_letter_code
;MAETSLPELGGEDKATPAPSILELEELLRAGKSSASRVDEVWPNLFIGDAATANNRFELWKLGITHVLNAAHKGLYAQGG
PDFYGSSVSYLGVPAHDLPDFDISAYFSSAADFIHRALNTPGAKVLVHSVVGVSRSATLVLAYLMLHQRLSLRQAVITVR
QHRWVFPNRGFLHQLARLDQQLRGA
;
_entity_poly.pdbx_strand_id   A,B
#
# COMPACT_ATOMS: atom_id res chain seq x y z
N THR A 16 4.33 7.42 15.60
CA THR A 16 3.17 7.73 14.73
C THR A 16 1.95 7.04 15.31
N PRO A 17 0.89 7.81 15.64
CA PRO A 17 -0.24 7.12 16.24
C PRO A 17 -0.96 6.31 15.18
N ALA A 18 -1.76 5.36 15.66
CA ALA A 18 -2.74 4.71 14.81
C ALA A 18 -3.68 5.73 14.18
N PRO A 19 -4.16 5.47 12.98
CA PRO A 19 -5.04 6.39 12.33
C PRO A 19 -6.42 6.42 12.98
N SER A 20 -7.04 7.59 12.94
CA SER A 20 -8.44 7.77 13.39
C SER A 20 -9.37 7.06 12.44
N ILE A 21 -10.64 6.96 12.84
CA ILE A 21 -11.60 6.32 11.95
C ILE A 21 -11.76 7.17 10.72
N LEU A 22 -11.76 8.51 10.92
CA LEU A 22 -11.94 9.41 9.80
C LEU A 22 -10.80 9.22 8.81
N GLU A 23 -9.57 9.16 9.30
CA GLU A 23 -8.41 8.97 8.46
C GLU A 23 -8.48 7.61 7.71
N LEU A 24 -8.80 6.56 8.44
CA LEU A 24 -9.04 5.24 7.84
C LEU A 24 -10.01 5.31 6.69
N GLU A 25 -11.14 5.94 6.92
CA GLU A 25 -12.15 5.96 5.89
C GLU A 25 -11.63 6.74 4.66
N GLU A 26 -10.88 7.83 4.87
CA GLU A 26 -10.31 8.52 3.72
C GLU A 26 -9.29 7.63 2.96
N LEU A 27 -8.50 6.85 3.69
CA LEU A 27 -7.56 5.90 3.09
C LEU A 27 -8.30 4.86 2.28
N LEU A 28 -9.40 4.36 2.86
CA LEU A 28 -10.21 3.35 2.18
C LEU A 28 -10.89 3.82 0.92
N ARG A 29 -11.28 5.07 0.87
CA ARG A 29 -11.91 5.56 -0.36
C ARG A 29 -11.01 5.94 -1.48
N ALA A 30 -9.72 6.00 -1.23
CA ALA A 30 -8.80 6.50 -2.27
C ALA A 30 -8.36 5.48 -3.30
N GLY A 31 -8.55 4.20 -3.02
CA GLY A 31 -7.95 3.15 -3.83
C GLY A 31 -8.64 2.73 -5.13
N LYS A 32 -8.98 1.43 -5.23
CA LYS A 32 -9.50 0.87 -6.49
C LYS A 32 -10.93 1.31 -6.69
N SER A 33 -11.16 2.05 -7.75
CA SER A 33 -12.48 2.17 -8.33
C SER A 33 -12.66 0.96 -9.22
N SER A 34 -13.42 -0.01 -8.72
CA SER A 34 -13.57 -1.30 -9.37
C SER A 34 -14.61 -2.12 -8.61
N ALA A 35 -15.36 -2.90 -9.35
CA ALA A 35 -16.16 -3.94 -8.79
C ALA A 35 -15.69 -5.20 -9.48
N SER A 36 -15.11 -6.12 -8.75
CA SER A 36 -14.89 -7.47 -9.25
C SER A 36 -15.44 -8.30 -8.14
N ARG A 37 -15.75 -9.55 -8.41
CA ARG A 37 -16.25 -10.43 -7.31
C ARG A 37 -15.15 -10.94 -6.41
N VAL A 38 -13.93 -11.03 -6.90
CA VAL A 38 -12.84 -11.66 -6.09
C VAL A 38 -11.56 -11.00 -6.58
N ASP A 39 -10.59 -10.75 -5.71
CA ASP A 39 -9.34 -10.15 -6.09
C ASP A 39 -8.24 -10.76 -5.27
N GLU A 40 -7.09 -11.00 -5.92
CA GLU A 40 -5.85 -11.32 -5.19
C GLU A 40 -5.31 -10.04 -4.57
N VAL A 41 -5.13 -10.00 -3.27
CA VAL A 41 -4.75 -8.75 -2.62
C VAL A 41 -3.32 -8.80 -2.01
N TRP A 42 -2.77 -10.00 -2.01
CA TRP A 42 -1.45 -10.34 -1.49
C TRP A 42 -1.15 -11.67 -2.14
N PRO A 43 0.13 -12.04 -2.32
CA PRO A 43 0.39 -13.26 -3.13
C PRO A 43 -0.38 -14.50 -2.60
N ASN A 44 -1.16 -15.11 -3.51
CA ASN A 44 -1.95 -16.31 -3.24
C ASN A 44 -3.01 -16.14 -2.15
N LEU A 45 -3.40 -14.88 -1.88
CA LEU A 45 -4.38 -14.55 -0.85
C LEU A 45 -5.46 -13.68 -1.51
N PHE A 46 -6.68 -14.19 -1.50
CA PHE A 46 -7.84 -13.63 -2.23
C PHE A 46 -8.90 -13.19 -1.22
N ILE A 47 -9.53 -12.05 -1.50
CA ILE A 47 -10.76 -11.64 -0.87
C ILE A 47 -11.91 -11.69 -1.89
N GLY A 48 -12.98 -12.36 -1.51
CA GLY A 48 -14.14 -12.43 -2.39
C GLY A 48 -15.49 -12.39 -1.71
N ASP A 49 -16.50 -12.36 -2.58
CA ASP A 49 -17.90 -12.41 -2.15
C ASP A 49 -18.51 -13.85 -2.10
N ALA A 50 -19.77 -13.87 -1.68
CA ALA A 50 -20.52 -15.09 -1.44
C ALA A 50 -20.69 -15.88 -2.72
N ALA A 51 -20.92 -15.15 -3.80
CA ALA A 51 -21.05 -15.78 -5.14
C ALA A 51 -19.84 -16.57 -5.48
N THR A 52 -18.67 -15.98 -5.22
CA THR A 52 -17.42 -16.64 -5.47
C THR A 52 -17.26 -17.92 -4.65
N ALA A 53 -17.52 -17.83 -3.36
CA ALA A 53 -17.38 -19.00 -2.47
C ALA A 53 -18.34 -20.17 -2.78
N ASN A 54 -19.47 -19.83 -3.36
CA ASN A 54 -20.50 -20.80 -3.69
C ASN A 54 -20.37 -21.34 -5.13
N ASN A 55 -19.23 -21.15 -5.79
CA ASN A 55 -18.98 -21.76 -7.13
C ASN A 55 -17.65 -22.56 -7.01
N ARG A 56 -17.79 -23.81 -6.60
CA ARG A 56 -16.66 -24.71 -6.38
C ARG A 56 -15.85 -24.99 -7.62
N PHE A 57 -16.48 -24.92 -8.82
CA PHE A 57 -15.74 -25.07 -10.07
C PHE A 57 -14.81 -23.89 -10.36
N GLU A 58 -15.32 -22.71 -10.15
CA GLU A 58 -14.48 -21.54 -10.31
C GLU A 58 -13.38 -21.42 -9.24
N LEU A 59 -13.62 -21.94 -8.01
CA LEU A 59 -12.55 -22.00 -6.98
C LEU A 59 -11.46 -22.95 -7.39
N TRP A 60 -11.89 -24.07 -7.96
CA TRP A 60 -10.97 -25.02 -8.58
C TRP A 60 -10.12 -24.39 -9.70
N LYS A 61 -10.77 -23.67 -10.59
CA LYS A 61 -10.05 -22.96 -11.66
C LYS A 61 -9.07 -21.94 -11.13
N LEU A 62 -9.42 -21.30 -10.04
CA LEU A 62 -8.56 -20.34 -9.42
C LEU A 62 -7.35 -21.02 -8.67
N GLY A 63 -7.46 -22.26 -8.22
CA GLY A 63 -6.44 -22.93 -7.43
C GLY A 63 -6.61 -22.77 -5.95
N ILE A 64 -7.82 -22.42 -5.50
CA ILE A 64 -8.07 -22.20 -4.05
C ILE A 64 -8.04 -23.53 -3.33
N THR A 65 -7.25 -23.65 -2.27
CA THR A 65 -7.07 -24.85 -1.47
C THR A 65 -7.56 -24.61 -0.03
N HIS A 66 -7.69 -23.36 0.41
CA HIS A 66 -8.05 -23.07 1.78
C HIS A 66 -9.09 -21.93 1.78
N VAL A 67 -10.20 -22.14 2.49
CA VAL A 67 -11.28 -21.17 2.48
C VAL A 67 -11.58 -20.71 3.87
N LEU A 68 -11.51 -19.40 4.08
CA LEU A 68 -11.89 -18.80 5.40
C LEU A 68 -13.21 -18.00 5.11
N ASN A 69 -14.33 -18.53 5.58
CA ASN A 69 -15.61 -17.88 5.52
C ASN A 69 -15.79 -16.96 6.72
N ALA A 70 -15.66 -15.67 6.50
CA ALA A 70 -15.81 -14.67 7.58
C ALA A 70 -17.30 -14.34 7.89
N ALA A 71 -18.27 -14.96 7.18
CA ALA A 71 -19.70 -14.79 7.42
C ALA A 71 -20.33 -16.16 7.59
N HIS A 72 -19.66 -17.01 8.36
CA HIS A 72 -20.07 -18.40 8.51
C HIS A 72 -21.40 -18.45 9.35
N LYS A 73 -22.28 -19.31 8.92
CA LYS A 73 -23.54 -19.51 9.60
C LYS A 73 -23.38 -20.75 10.43
N GLY A 74 -23.57 -20.59 11.71
CA GLY A 74 -23.38 -21.74 12.61
C GLY A 74 -22.35 -21.40 13.65
N LEU A 75 -21.95 -22.41 14.41
CA LEU A 75 -20.85 -22.19 15.35
C LEU A 75 -19.49 -22.03 14.62
N TYR A 76 -18.59 -21.23 15.18
CA TYR A 76 -17.20 -21.17 14.73
C TYR A 76 -16.71 -22.60 14.57
N ALA A 77 -16.01 -22.90 13.47
CA ALA A 77 -15.62 -24.29 13.19
C ALA A 77 -14.63 -24.38 12.08
N GLN A 78 -13.70 -25.31 12.20
CA GLN A 78 -12.84 -25.65 11.11
C GLN A 78 -13.50 -26.84 10.43
N GLY A 79 -13.20 -27.01 9.15
CA GLY A 79 -13.63 -28.13 8.31
C GLY A 79 -12.40 -28.75 7.64
N GLY A 80 -12.52 -30.06 7.40
CA GLY A 80 -11.56 -30.80 6.58
C GLY A 80 -11.81 -30.57 5.10
N PRO A 81 -11.25 -31.44 4.24
CA PRO A 81 -11.53 -31.37 2.78
C PRO A 81 -13.02 -31.36 2.38
N ASP A 82 -13.32 -30.64 1.31
CA ASP A 82 -14.72 -30.52 0.87
C ASP A 82 -15.21 -31.88 0.30
N PHE A 83 -16.39 -32.33 0.75
CA PHE A 83 -17.01 -33.61 0.32
C PHE A 83 -16.66 -33.87 -1.15
N TYR A 84 -16.76 -32.84 -1.95
CA TYR A 84 -16.59 -32.91 -3.38
C TYR A 84 -15.49 -31.99 -3.92
N GLY A 85 -15.65 -30.71 -3.59
CA GLY A 85 -14.77 -29.62 -4.07
C GLY A 85 -13.26 -29.80 -3.88
N SER A 86 -12.56 -28.79 -4.40
CA SER A 86 -11.11 -28.73 -4.38
C SER A 86 -10.52 -28.34 -3.01
N SER A 87 -11.32 -27.71 -2.14
CA SER A 87 -10.83 -27.18 -0.84
C SER A 87 -10.43 -28.30 0.06
N VAL A 88 -9.27 -28.12 0.69
CA VAL A 88 -8.72 -29.12 1.60
C VAL A 88 -8.92 -28.65 3.04
N SER A 89 -9.24 -27.35 3.27
CA SER A 89 -9.33 -26.86 4.61
C SER A 89 -10.23 -25.62 4.67
N TYR A 90 -11.09 -25.59 5.65
CA TYR A 90 -12.08 -24.55 5.81
C TYR A 90 -11.98 -24.03 7.22
N LEU A 91 -12.12 -22.71 7.36
CA LEU A 91 -12.35 -22.11 8.68
C LEU A 91 -13.56 -21.23 8.58
N GLY A 92 -14.50 -21.41 9.50
CA GLY A 92 -15.74 -20.63 9.50
C GLY A 92 -15.82 -19.73 10.69
N VAL A 93 -15.74 -18.43 10.43
CA VAL A 93 -15.82 -17.39 11.47
C VAL A 93 -17.20 -16.78 11.41
N PRO A 94 -18.00 -16.94 12.47
CA PRO A 94 -19.41 -16.52 12.46
C PRO A 94 -19.58 -15.05 12.81
N ALA A 95 -18.93 -14.20 12.02
CA ALA A 95 -19.01 -12.77 12.30
C ALA A 95 -20.28 -12.19 11.75
N HIS A 96 -20.78 -11.15 12.46
CA HIS A 96 -21.85 -10.30 11.96
C HIS A 96 -21.27 -8.98 11.58
N ASP A 97 -21.76 -8.38 10.51
CA ASP A 97 -21.21 -7.14 10.02
C ASP A 97 -21.83 -5.94 10.75
N LEU A 98 -21.53 -5.87 12.05
CA LEU A 98 -22.02 -4.89 12.96
C LEU A 98 -20.91 -4.29 13.78
N PRO A 99 -21.01 -2.99 14.07
CA PRO A 99 -19.95 -2.31 14.74
C PRO A 99 -19.69 -2.75 16.16
N ASP A 100 -20.71 -3.30 16.79
CA ASP A 100 -20.55 -3.83 18.13
C ASP A 100 -20.15 -5.32 18.17
N PHE A 101 -19.86 -5.93 17.01
CA PHE A 101 -19.43 -7.33 16.97
C PHE A 101 -17.95 -7.45 17.16
N ASP A 102 -17.56 -8.31 18.12
CA ASP A 102 -16.17 -8.51 18.47
C ASP A 102 -15.45 -9.46 17.54
N ILE A 103 -15.06 -8.92 16.40
CA ILE A 103 -14.32 -9.68 15.42
C ILE A 103 -12.88 -9.87 15.90
N SER A 104 -12.38 -8.97 16.74
CA SER A 104 -10.98 -9.06 17.16
C SER A 104 -10.72 -10.32 17.91
N ALA A 105 -11.76 -10.94 18.47
CA ALA A 105 -11.59 -12.26 19.11
C ALA A 105 -11.08 -13.37 18.19
N TYR A 106 -11.23 -13.18 16.88
CA TYR A 106 -10.88 -14.13 15.91
C TYR A 106 -9.57 -13.79 15.14
N PHE A 107 -8.99 -12.62 15.39
CA PHE A 107 -7.79 -12.19 14.68
C PHE A 107 -6.69 -13.26 14.71
N SER A 108 -6.36 -13.77 15.88
CA SER A 108 -5.22 -14.64 16.01
C SER A 108 -5.42 -15.96 15.31
N SER A 109 -6.58 -16.61 15.53
CA SER A 109 -6.93 -17.87 14.90
C SER A 109 -7.07 -17.71 13.40
N ALA A 110 -7.73 -16.67 12.94
CA ALA A 110 -7.87 -16.46 11.50
C ALA A 110 -6.50 -16.22 10.84
N ALA A 111 -5.70 -15.37 11.44
CA ALA A 111 -4.35 -15.05 10.94
C ALA A 111 -3.43 -16.27 10.93
N ASP A 112 -3.51 -17.15 11.94
CA ASP A 112 -2.74 -18.41 11.95
C ASP A 112 -3.15 -19.34 10.82
N PHE A 113 -4.47 -19.46 10.60
CA PHE A 113 -5.01 -20.24 9.46
C PHE A 113 -4.47 -19.76 8.11
N ILE A 114 -4.52 -18.44 7.92
CA ILE A 114 -3.99 -17.85 6.71
C ILE A 114 -2.47 -18.12 6.62
N HIS A 115 -1.73 -17.84 7.69
CA HIS A 115 -0.27 -18.03 7.68
C HIS A 115 0.21 -19.45 7.38
N ARG A 116 -0.41 -20.39 8.03
CA ARG A 116 -0.08 -21.80 7.80
C ARG A 116 -0.33 -22.21 6.39
N ALA A 117 -1.45 -21.73 5.82
CA ALA A 117 -1.76 -22.00 4.44
C ALA A 117 -0.73 -21.34 3.47
N LEU A 118 -0.42 -20.07 3.65
CA LEU A 118 0.52 -19.40 2.73
C LEU A 118 1.97 -19.89 2.89
N ASN A 119 2.28 -20.57 3.98
CA ASN A 119 3.57 -21.24 4.12
C ASN A 119 3.54 -22.68 3.65
N THR A 120 2.46 -23.08 2.98
CA THR A 120 2.34 -24.41 2.36
C THR A 120 2.54 -24.22 0.85
N PRO A 121 3.63 -24.78 0.29
CA PRO A 121 3.80 -24.66 -1.15
C PRO A 121 2.58 -25.11 -1.96
N GLY A 122 2.21 -24.23 -2.90
CA GLY A 122 1.11 -24.44 -3.80
C GLY A 122 -0.24 -24.04 -3.26
N ALA A 123 -0.35 -23.70 -1.97
CA ALA A 123 -1.67 -23.31 -1.45
C ALA A 123 -2.11 -21.90 -1.84
N LYS A 124 -3.44 -21.73 -1.88
CA LYS A 124 -4.02 -20.39 -2.11
C LYS A 124 -5.22 -20.32 -1.23
N VAL A 125 -5.42 -19.16 -0.62
CA VAL A 125 -6.42 -18.89 0.37
C VAL A 125 -7.42 -17.92 -0.13
N LEU A 126 -8.72 -18.22 0.00
CA LEU A 126 -9.80 -17.26 -0.24
C LEU A 126 -10.43 -16.95 1.12
N VAL A 127 -10.43 -15.65 1.48
CA VAL A 127 -11.19 -15.20 2.62
C VAL A 127 -12.40 -14.51 2.03
N HIS A 128 -13.58 -14.89 2.43
CA HIS A 128 -14.77 -14.28 1.91
C HIS A 128 -15.82 -13.96 2.96
N SER A 129 -16.75 -13.09 2.53
CA SER A 129 -17.90 -12.72 3.29
C SER A 129 -18.99 -12.42 2.28
N VAL A 130 -20.12 -11.86 2.73
CA VAL A 130 -21.27 -11.81 1.79
C VAL A 130 -20.93 -10.93 0.61
N VAL A 131 -20.41 -9.72 0.86
CA VAL A 131 -19.98 -8.86 -0.25
C VAL A 131 -18.47 -8.67 -0.41
N GLY A 132 -17.68 -9.25 0.48
CA GLY A 132 -16.23 -9.16 0.36
C GLY A 132 -15.67 -7.77 0.65
N VAL A 133 -16.32 -7.12 1.58
CA VAL A 133 -15.98 -5.79 1.91
C VAL A 133 -15.60 -5.49 3.33
N SER A 134 -16.20 -6.13 4.33
CA SER A 134 -16.01 -5.72 5.70
C SER A 134 -15.45 -6.87 6.58
N ARG A 135 -16.22 -7.94 6.80
CA ARG A 135 -15.74 -9.04 7.62
C ARG A 135 -14.47 -9.67 7.06
N SER A 136 -14.47 -10.05 5.78
CA SER A 136 -13.36 -10.66 5.18
C SER A 136 -12.13 -9.73 5.14
N ALA A 137 -12.32 -8.46 4.76
CA ALA A 137 -11.18 -7.55 4.66
C ALA A 137 -10.56 -7.30 6.04
N THR A 138 -11.42 -7.26 7.07
CA THR A 138 -10.95 -7.08 8.42
C THR A 138 -9.97 -8.17 8.81
N LEU A 139 -10.28 -9.42 8.51
CA LEU A 139 -9.36 -10.46 8.84
C LEU A 139 -8.09 -10.46 8.09
N VAL A 140 -8.12 -10.09 6.80
CA VAL A 140 -6.91 -9.95 6.02
C VAL A 140 -6.04 -8.80 6.50
N LEU A 141 -6.64 -7.66 6.87
CA LEU A 141 -5.89 -6.56 7.41
C LEU A 141 -5.17 -6.99 8.69
N ALA A 142 -5.89 -7.69 9.56
CA ALA A 142 -5.26 -8.18 10.80
C ALA A 142 -4.09 -9.17 10.51
N TYR A 143 -4.33 -10.07 9.57
CA TYR A 143 -3.23 -10.96 9.11
C TYR A 143 -1.95 -10.21 8.66
N LEU A 144 -2.13 -9.18 7.83
CA LEU A 144 -1.03 -8.38 7.30
C LEU A 144 -0.25 -7.67 8.42
N MET A 145 -0.96 -7.24 9.45
CA MET A 145 -0.38 -6.60 10.61
C MET A 145 0.35 -7.61 11.49
N LEU A 146 -0.30 -8.75 11.75
CA LEU A 146 0.24 -9.81 12.62
C LEU A 146 1.45 -10.56 12.08
N HIS A 147 1.49 -10.78 10.79
CA HIS A 147 2.46 -11.67 10.16
C HIS A 147 3.27 -11.14 9.03
N GLN A 148 2.97 -9.93 8.53
CA GLN A 148 3.72 -9.31 7.45
C GLN A 148 4.26 -7.95 7.74
N ARG A 149 4.33 -7.68 9.02
CA ARG A 149 5.04 -6.52 9.54
C ARG A 149 4.45 -5.22 9.09
N LEU A 150 3.14 -5.17 8.75
CA LEU A 150 2.62 -3.91 8.28
C LEU A 150 1.90 -3.18 9.39
N SER A 151 2.05 -1.86 9.36
CA SER A 151 1.18 -0.98 10.14
C SER A 151 -0.24 -1.11 9.52
N LEU A 152 -1.25 -0.73 10.30
CA LEU A 152 -2.63 -0.62 9.71
C LEU A 152 -2.69 0.19 8.44
N ARG A 153 -2.08 1.41 8.40
CA ARG A 153 -2.15 2.21 7.21
C ARG A 153 -1.57 1.49 6.02
N GLN A 154 -0.44 0.83 6.24
CA GLN A 154 0.22 0.09 5.19
C GLN A 154 -0.63 -1.12 4.74
N ALA A 155 -1.30 -1.77 5.68
CA ALA A 155 -2.20 -2.92 5.32
C ALA A 155 -3.36 -2.43 4.45
N VAL A 156 -3.85 -1.23 4.76
CA VAL A 156 -4.97 -0.65 4.02
C VAL A 156 -4.53 -0.26 2.62
N ILE A 157 -3.35 0.38 2.54
CA ILE A 157 -2.78 0.84 1.26
C ILE A 157 -2.52 -0.37 0.34
N THR A 158 -2.07 -1.48 0.94
CA THR A 158 -1.82 -2.70 0.26
C THR A 158 -3.08 -3.24 -0.39
N VAL A 159 -4.08 -3.46 0.43
CA VAL A 159 -5.32 -4.13 0.03
C VAL A 159 -6.09 -3.25 -0.94
N ARG A 160 -6.15 -1.95 -0.67
CA ARG A 160 -7.07 -1.08 -1.44
C ARG A 160 -6.67 -0.92 -2.89
N GLN A 161 -5.40 -1.18 -3.23
CA GLN A 161 -5.06 -1.15 -4.64
C GLN A 161 -5.78 -2.24 -5.47
N HIS A 162 -6.13 -3.36 -4.85
CA HIS A 162 -6.59 -4.53 -5.53
C HIS A 162 -8.07 -4.81 -5.30
N ARG A 163 -8.65 -4.30 -4.21
CA ARG A 163 -10.12 -4.45 -4.00
C ARG A 163 -10.67 -3.29 -3.21
N TRP A 164 -11.85 -2.82 -3.58
CA TRP A 164 -12.50 -1.82 -2.73
C TRP A 164 -13.05 -2.56 -1.49
N VAL A 165 -12.55 -2.13 -0.32
CA VAL A 165 -12.93 -2.75 0.96
C VAL A 165 -13.29 -1.65 1.91
N PHE A 166 -14.06 -2.00 2.94
CA PHE A 166 -14.64 -0.93 3.81
C PHE A 166 -15.17 -1.57 5.10
N PRO A 167 -14.26 -1.94 5.96
CA PRO A 167 -14.70 -2.46 7.23
C PRO A 167 -15.60 -1.45 7.97
N ASN A 168 -16.59 -1.94 8.72
CA ASN A 168 -17.44 -1.04 9.49
C ASN A 168 -16.60 -0.30 10.58
N ARG A 169 -17.16 0.71 11.20
CA ARG A 169 -16.38 1.59 12.09
C ARG A 169 -15.95 0.91 13.37
N GLY A 170 -16.78 -0.04 13.78
CA GLY A 170 -16.47 -0.94 14.94
C GLY A 170 -15.22 -1.79 14.66
N PHE A 171 -15.21 -2.35 13.45
CA PHE A 171 -14.06 -3.11 13.04
C PHE A 171 -12.84 -2.25 12.88
N LEU A 172 -13.05 -1.02 12.36
CA LEU A 172 -11.97 -0.05 12.25
C LEU A 172 -11.33 0.29 13.56
N HIS A 173 -12.18 0.47 14.57
CA HIS A 173 -11.69 0.66 15.93
C HIS A 173 -10.82 -0.47 16.39
N GLN A 174 -11.31 -1.70 16.21
CA GLN A 174 -10.60 -2.94 16.64
C GLN A 174 -9.29 -3.10 15.93
N LEU A 175 -9.24 -2.81 14.64
CA LEU A 175 -7.97 -2.84 13.90
C LEU A 175 -7.01 -1.73 14.40
N ALA A 176 -7.54 -0.55 14.70
CA ALA A 176 -6.65 0.53 15.27
C ALA A 176 -6.14 0.18 16.67
N ARG A 177 -6.96 -0.49 17.46
CA ARG A 177 -6.52 -1.00 18.77
C ARG A 177 -5.35 -1.94 18.49
N LEU A 178 -5.55 -2.88 17.56
CA LEU A 178 -4.47 -3.83 17.26
C LEU A 178 -3.23 -3.10 16.77
N ASP A 179 -3.36 -2.11 15.89
CA ASP A 179 -2.23 -1.35 15.44
C ASP A 179 -1.43 -0.71 16.62
N GLN A 180 -2.16 -0.14 17.57
CA GLN A 180 -1.58 0.37 18.83
C GLN A 180 -0.85 -0.68 19.64
N GLN A 181 -1.45 -1.84 19.82
CA GLN A 181 -0.82 -2.90 20.60
C GLN A 181 0.49 -3.37 19.92
N LEU A 182 0.43 -3.63 18.60
CA LEU A 182 1.56 -4.20 17.92
C LEU A 182 2.72 -3.21 17.83
N ARG A 183 2.42 -1.92 17.52
CA ARG A 183 3.45 -0.88 17.31
C ARG A 183 3.78 -0.08 18.57
N GLY A 184 3.09 -0.34 19.68
CA GLY A 184 3.20 0.53 20.89
C GLY A 184 2.80 1.98 20.61
N ALA A 185 1.72 2.11 19.85
CA ALA A 185 1.16 3.37 19.36
C ALA A 185 2.18 4.18 18.58
N ALA B 15 22.06 -5.88 -19.43
CA ALA B 15 22.76 -6.51 -18.25
C ALA B 15 21.72 -7.34 -17.48
N THR B 16 21.52 -7.15 -16.16
CA THR B 16 20.36 -7.76 -15.48
C THR B 16 19.05 -7.22 -16.12
N PRO B 17 18.15 -8.11 -16.67
CA PRO B 17 16.80 -7.67 -17.10
C PRO B 17 16.17 -6.74 -16.06
N ALA B 18 15.38 -5.76 -16.49
CA ALA B 18 14.51 -5.01 -15.55
C ALA B 18 13.65 -5.97 -14.73
N PRO B 19 13.46 -5.67 -13.45
CA PRO B 19 12.64 -6.52 -12.64
C PRO B 19 11.17 -6.52 -13.04
N SER B 20 10.49 -7.64 -12.81
CA SER B 20 9.04 -7.77 -13.07
C SER B 20 8.34 -7.03 -11.95
N ILE B 21 7.04 -6.85 -12.12
CA ILE B 21 6.18 -6.38 -11.02
C ILE B 21 6.30 -7.18 -9.77
N LEU B 22 6.14 -8.50 -9.94
CA LEU B 22 6.29 -9.39 -8.85
C LEU B 22 7.61 -9.22 -8.06
N GLU B 23 8.72 -9.21 -8.77
CA GLU B 23 10.05 -8.97 -8.19
C GLU B 23 10.08 -7.64 -7.44
N LEU B 24 9.53 -6.61 -8.07
CA LEU B 24 9.48 -5.28 -7.40
C LEU B 24 8.73 -5.28 -6.09
N GLU B 25 7.55 -5.91 -6.08
CA GLU B 25 6.77 -5.99 -4.92
C GLU B 25 7.48 -6.72 -3.82
N GLU B 26 8.17 -7.83 -4.17
CA GLU B 26 8.99 -8.52 -3.18
C GLU B 26 10.07 -7.59 -2.57
N LEU B 27 10.77 -6.89 -3.40
CA LEU B 27 11.83 -5.95 -2.97
C LEU B 27 11.30 -4.82 -2.11
N LEU B 28 10.10 -4.38 -2.43
CA LEU B 28 9.45 -3.32 -1.68
C LEU B 28 8.95 -3.78 -0.33
N ARG B 29 8.55 -5.07 -0.23
CA ARG B 29 8.02 -5.67 0.98
C ARG B 29 9.17 -5.91 1.98
N ALA B 30 10.41 -5.94 1.49
CA ALA B 30 11.59 -6.28 2.27
C ALA B 30 12.44 -5.06 2.62
N GLY B 31 11.94 -4.23 3.52
CA GLY B 31 12.75 -3.22 4.22
C GLY B 31 12.50 -3.25 5.72
N LYS B 32 12.90 -2.18 6.40
CA LYS B 32 12.53 -2.02 7.80
C LYS B 32 11.02 -1.88 7.95
N SER B 33 10.50 -2.43 9.02
CA SER B 33 9.13 -2.17 9.41
C SER B 33 9.15 -0.82 10.08
N SER B 34 8.49 0.16 9.48
CA SER B 34 8.51 1.52 10.00
C SER B 34 7.31 2.33 9.57
N ALA B 35 6.88 3.19 10.48
CA ALA B 35 5.86 4.17 10.23
C ALA B 35 6.44 5.47 10.73
N SER B 36 6.83 6.33 9.81
CA SER B 36 7.22 7.69 10.11
C SER B 36 6.44 8.51 9.06
N ARG B 37 6.18 9.78 9.34
CA ARG B 37 5.45 10.60 8.40
C ARG B 37 6.31 11.12 7.30
N VAL B 38 7.56 11.33 7.62
CA VAL B 38 8.58 11.87 6.69
C VAL B 38 9.92 11.21 6.96
N ASP B 39 10.64 10.88 5.89
CA ASP B 39 11.94 10.34 6.03
C ASP B 39 12.90 10.93 5.03
N GLU B 40 14.14 11.09 5.46
CA GLU B 40 15.24 11.41 4.54
C GLU B 40 15.67 10.13 3.84
N VAL B 41 15.58 10.07 2.53
CA VAL B 41 15.85 8.78 1.81
C VAL B 41 17.12 8.83 0.96
N TRP B 42 17.67 10.04 0.86
CA TRP B 42 18.89 10.33 0.12
C TRP B 42 19.36 11.67 0.69
N PRO B 43 20.66 12.04 0.58
CA PRO B 43 21.05 13.23 1.28
C PRO B 43 20.25 14.49 0.91
N ASN B 44 19.61 15.10 1.95
CA ASN B 44 18.81 16.30 1.77
C ASN B 44 17.56 16.14 0.91
N LEU B 45 17.09 14.90 0.71
CA LEU B 45 15.92 14.59 -0.12
C LEU B 45 14.95 13.76 0.74
N PHE B 46 13.75 14.28 0.97
CA PHE B 46 12.80 13.68 1.92
C PHE B 46 11.56 13.27 1.15
N ILE B 47 10.94 12.18 1.60
CA ILE B 47 9.61 11.83 1.17
C ILE B 47 8.72 11.83 2.36
N GLY B 48 7.56 12.46 2.22
CA GLY B 48 6.61 12.50 3.29
C GLY B 48 5.16 12.55 2.85
N ASP B 49 4.28 12.55 3.84
CA ASP B 49 2.87 12.58 3.61
C ASP B 49 2.25 13.99 3.63
N ALA B 50 0.94 14.04 3.47
CA ALA B 50 0.23 15.30 3.42
C ALA B 50 0.41 16.11 4.70
N ALA B 51 0.34 15.46 5.81
CA ALA B 51 0.42 16.16 7.12
C ALA B 51 1.70 16.91 7.22
N THR B 52 2.76 16.27 6.73
CA THR B 52 4.08 16.89 6.69
C THR B 52 4.11 18.20 5.86
N ALA B 53 3.57 18.16 4.65
CA ALA B 53 3.55 19.32 3.78
C ALA B 53 2.70 20.45 4.32
N ASN B 54 1.68 20.10 5.13
CA ASN B 54 0.73 21.04 5.68
C ASN B 54 1.17 21.67 7.04
N ASN B 55 2.41 21.48 7.48
CA ASN B 55 2.94 22.08 8.75
C ASN B 55 4.22 22.85 8.41
N ARG B 56 4.01 24.07 7.95
CA ARG B 56 5.06 24.97 7.53
C ARG B 56 6.09 25.22 8.60
N PHE B 57 5.68 25.30 9.87
CA PHE B 57 6.63 25.49 10.95
C PHE B 57 7.59 24.31 11.11
N GLU B 58 7.10 23.06 11.00
CA GLU B 58 7.96 21.84 11.01
C GLU B 58 8.88 21.84 9.77
N LEU B 59 8.37 22.28 8.62
CA LEU B 59 9.22 22.28 7.41
C LEU B 59 10.34 23.23 7.56
N TRP B 60 10.02 24.39 8.14
CA TRP B 60 11.05 25.36 8.41
C TRP B 60 12.11 24.80 9.42
N LYS B 61 11.70 24.06 10.46
CA LYS B 61 12.64 23.44 11.39
C LYS B 61 13.52 22.41 10.76
N LEU B 62 12.97 21.69 9.77
CA LEU B 62 13.73 20.70 9.08
C LEU B 62 14.70 21.32 8.05
N GLY B 63 14.41 22.51 7.54
CA GLY B 63 15.26 23.19 6.61
C GLY B 63 14.87 22.95 5.19
N ILE B 64 13.61 22.58 4.99
CA ILE B 64 13.09 22.40 3.63
C ILE B 64 13.02 23.76 2.88
N THR B 65 13.63 23.81 1.71
CA THR B 65 13.61 24.98 0.79
C THR B 65 12.84 24.71 -0.46
N HIS B 66 12.57 23.43 -0.77
CA HIS B 66 11.97 23.09 -2.04
C HIS B 66 10.92 22.02 -1.76
N VAL B 67 9.71 22.21 -2.30
CA VAL B 67 8.61 21.28 -2.16
C VAL B 67 8.07 20.80 -3.48
N LEU B 68 8.10 19.49 -3.67
CA LEU B 68 7.54 18.84 -4.87
C LEU B 68 6.28 18.10 -4.35
N ASN B 69 5.11 18.64 -4.71
CA ASN B 69 3.85 18.06 -4.35
C ASN B 69 3.44 17.13 -5.47
N ALA B 70 3.58 15.83 -5.26
CA ALA B 70 3.22 14.86 -6.36
C ALA B 70 1.70 14.56 -6.43
N ALA B 71 0.91 15.21 -5.58
CA ALA B 71 -0.56 15.07 -5.57
C ALA B 71 -1.18 16.44 -5.61
N HIS B 72 -0.66 17.28 -6.49
CA HIS B 72 -1.13 18.66 -6.59
C HIS B 72 -2.56 18.63 -7.21
N LYS B 73 -3.40 19.49 -6.67
CA LYS B 73 -4.72 19.77 -7.25
C LYS B 73 -4.78 21.25 -7.69
N GLY B 74 -5.00 21.46 -8.99
CA GLY B 74 -4.91 22.77 -9.61
C GLY B 74 -3.82 22.85 -10.69
N LEU B 75 -3.99 22.06 -11.77
CA LEU B 75 -3.05 22.01 -12.93
C LEU B 75 -1.61 21.50 -12.58
N TYR B 76 -0.61 21.83 -13.40
CA TYR B 76 0.79 21.52 -13.11
C TYR B 76 1.51 22.85 -12.81
N ALA B 77 1.65 23.16 -11.52
CA ALA B 77 1.93 24.54 -11.08
C ALA B 77 3.37 24.67 -10.64
N GLN B 78 3.99 25.85 -10.81
CA GLN B 78 5.44 26.06 -10.48
C GLN B 78 5.76 27.23 -9.51
N GLY B 79 6.39 28.30 -10.01
CA GLY B 79 7.13 29.25 -9.18
C GLY B 79 6.40 30.59 -9.06
N GLY B 80 6.17 31.02 -7.82
CA GLY B 80 5.20 32.06 -7.47
C GLY B 80 3.85 31.64 -6.86
N PRO B 81 3.79 30.50 -6.08
CA PRO B 81 2.64 30.13 -5.19
C PRO B 81 2.57 30.69 -3.74
N ASP B 82 1.34 30.97 -3.30
CA ASP B 82 1.06 31.62 -2.01
C ASP B 82 1.53 30.85 -0.75
N PHE B 83 1.31 29.53 -0.76
CA PHE B 83 1.24 28.77 0.48
C PHE B 83 2.57 28.72 1.23
N TYR B 84 3.71 28.49 0.55
CA TYR B 84 5.01 28.39 1.30
C TYR B 84 5.79 29.69 1.37
N GLY B 85 5.30 30.72 0.70
CA GLY B 85 5.96 32.00 0.68
C GLY B 85 7.17 32.00 -0.25
N SER B 86 7.77 33.19 -0.31
CA SER B 86 8.94 33.55 -1.11
C SER B 86 10.16 32.64 -0.94
N SER B 87 10.41 32.19 0.28
CA SER B 87 11.59 31.38 0.59
C SER B 87 11.54 29.95 0.06
N VAL B 88 10.39 29.48 -0.42
CA VAL B 88 10.29 28.07 -0.86
C VAL B 88 9.92 28.06 -2.36
N SER B 89 10.61 27.20 -3.09
CA SER B 89 10.28 26.89 -4.46
C SER B 89 9.35 25.74 -4.44
N TYR B 90 8.35 25.79 -5.29
CA TYR B 90 7.32 24.74 -5.30
C TYR B 90 7.14 24.19 -6.69
N LEU B 91 6.93 22.86 -6.79
CA LEU B 91 6.54 22.27 -8.06
C LEU B 91 5.39 21.36 -7.78
N GLY B 92 4.32 21.56 -8.54
CA GLY B 92 3.10 20.78 -8.40
C GLY B 92 2.97 19.84 -9.59
N VAL B 93 2.96 18.55 -9.29
CA VAL B 93 2.67 17.51 -10.28
C VAL B 93 1.28 16.95 -9.97
N PRO B 94 0.37 17.03 -10.96
CA PRO B 94 -1.03 16.74 -10.71
C PRO B 94 -1.31 15.27 -10.92
N ALA B 95 -0.66 14.41 -10.13
CA ALA B 95 -0.79 12.97 -10.38
C ALA B 95 -1.94 12.40 -9.55
N HIS B 96 -2.62 11.38 -10.11
CA HIS B 96 -3.56 10.56 -9.40
C HIS B 96 -2.97 9.21 -9.12
N ASP B 97 -3.24 8.66 -7.94
CA ASP B 97 -2.63 7.37 -7.57
C ASP B 97 -3.47 6.20 -8.13
N LEU B 98 -3.37 6.04 -9.44
CA LEU B 98 -4.07 5.02 -10.20
C LEU B 98 -3.13 4.34 -11.21
N PRO B 99 -3.30 3.02 -11.41
CA PRO B 99 -2.41 2.32 -12.33
C PRO B 99 -2.47 2.78 -13.74
N ASP B 100 -3.55 3.43 -14.13
CA ASP B 100 -3.65 3.91 -15.49
C ASP B 100 -3.28 5.39 -15.61
N PHE B 101 -2.71 5.98 -14.58
CA PHE B 101 -2.22 7.34 -14.68
C PHE B 101 -0.74 7.37 -15.12
N ASP B 102 -0.51 8.20 -16.16
CA ASP B 102 0.80 8.33 -16.78
C ASP B 102 1.70 9.31 -16.03
N ILE B 103 2.25 8.85 -14.91
CA ILE B 103 3.13 9.68 -14.19
C ILE B 103 4.53 9.82 -14.86
N SER B 104 4.87 8.89 -15.75
CA SER B 104 6.17 8.93 -16.41
C SER B 104 6.34 10.14 -17.24
N ALA B 105 5.21 10.74 -17.66
CA ALA B 105 5.28 12.01 -18.43
C ALA B 105 5.82 13.18 -17.61
N TYR B 106 5.93 13.00 -16.30
CA TYR B 106 6.46 14.04 -15.41
C TYR B 106 7.84 13.68 -14.87
N PHE B 107 8.35 12.51 -15.19
CA PHE B 107 9.67 12.11 -14.69
C PHE B 107 10.76 13.14 -14.95
N SER B 108 10.84 13.66 -16.17
CA SER B 108 11.86 14.60 -16.50
C SER B 108 11.84 15.89 -15.71
N SER B 109 10.67 16.51 -15.66
CA SER B 109 10.51 17.78 -15.03
C SER B 109 10.72 17.63 -13.53
N ALA B 110 10.17 16.58 -12.96
CA ALA B 110 10.37 16.31 -11.50
C ALA B 110 11.85 16.08 -11.10
N ALA B 111 12.48 15.22 -11.88
CA ALA B 111 13.85 14.92 -11.66
C ALA B 111 14.73 16.18 -11.85
N ASP B 112 14.40 17.08 -12.80
CA ASP B 112 15.24 18.23 -12.99
C ASP B 112 15.05 19.27 -11.89
N PHE B 113 13.83 19.34 -11.35
CA PHE B 113 13.53 20.24 -10.21
C PHE B 113 14.35 19.74 -9.01
N ILE B 114 14.34 18.42 -8.76
CA ILE B 114 15.06 17.84 -7.63
C ILE B 114 16.56 18.04 -7.83
N HIS B 115 17.04 17.80 -9.04
CA HIS B 115 18.47 17.88 -9.28
C HIS B 115 19.01 19.30 -9.12
N ARG B 116 18.26 20.30 -9.58
CA ARG B 116 18.70 21.70 -9.43
C ARG B 116 18.76 22.12 -7.98
N ALA B 117 17.73 21.70 -7.24
CA ALA B 117 17.71 21.83 -5.77
C ALA B 117 18.88 21.18 -5.08
N LEU B 118 19.15 19.91 -5.33
CA LEU B 118 20.21 19.25 -4.56
C LEU B 118 21.63 19.78 -4.96
N ASN B 119 21.72 20.45 -6.10
CA ASN B 119 22.98 21.07 -6.52
C ASN B 119 23.11 22.49 -6.01
N THR B 120 22.18 22.91 -5.17
CA THR B 120 22.17 24.27 -4.61
C THR B 120 22.66 24.09 -3.18
N PRO B 121 23.84 24.68 -2.81
CA PRO B 121 24.20 24.48 -1.40
C PRO B 121 23.19 24.95 -0.39
N GLY B 122 22.95 24.06 0.57
CA GLY B 122 22.06 24.30 1.65
C GLY B 122 20.62 23.98 1.40
N ALA B 123 20.26 23.59 0.17
CA ALA B 123 18.84 23.32 -0.08
C ALA B 123 18.50 21.90 0.37
N LYS B 124 17.21 21.68 0.64
CA LYS B 124 16.69 20.42 1.03
C LYS B 124 15.29 20.33 0.44
N VAL B 125 14.97 19.16 -0.11
CA VAL B 125 13.79 18.95 -0.92
C VAL B 125 12.85 18.00 -0.23
N LEU B 126 11.58 18.39 -0.15
CA LEU B 126 10.51 17.47 0.29
C LEU B 126 9.70 17.12 -0.94
N VAL B 127 9.61 15.82 -1.25
CA VAL B 127 8.62 15.31 -2.20
C VAL B 127 7.51 14.61 -1.46
N HIS B 128 6.29 15.08 -1.63
CA HIS B 128 5.23 14.50 -0.88
C HIS B 128 4.02 14.20 -1.72
N SER B 129 3.21 13.34 -1.18
CA SER B 129 1.93 12.99 -1.75
C SER B 129 0.93 12.83 -0.60
N VAL B 130 -0.19 12.18 -0.83
CA VAL B 130 -1.15 12.03 0.27
C VAL B 130 -0.58 11.17 1.37
N VAL B 131 -0.16 9.94 1.10
CA VAL B 131 0.41 9.11 2.16
C VAL B 131 1.93 8.98 2.08
N GLY B 132 2.54 9.50 1.01
CA GLY B 132 3.98 9.42 0.86
C GLY B 132 4.49 8.02 0.56
N VAL B 133 3.72 7.29 -0.21
CA VAL B 133 3.99 5.92 -0.61
C VAL B 133 4.09 5.65 -2.11
N SER B 134 3.31 6.31 -2.95
CA SER B 134 3.21 5.91 -4.34
C SER B 134 3.65 7.04 -5.28
N ARG B 135 2.89 8.14 -5.35
CA ARG B 135 3.23 9.17 -6.30
C ARG B 135 4.56 9.79 -5.99
N SER B 136 4.77 10.14 -4.74
CA SER B 136 6.02 10.78 -4.36
C SER B 136 7.20 9.84 -4.54
N ALA B 137 7.04 8.60 -4.09
CA ALA B 137 8.14 7.65 -4.18
C ALA B 137 8.52 7.33 -5.61
N THR B 138 7.52 7.27 -6.48
CA THR B 138 7.78 7.09 -7.92
C THR B 138 8.66 8.16 -8.51
N LEU B 139 8.40 9.44 -8.19
CA LEU B 139 9.21 10.50 -8.72
C LEU B 139 10.61 10.43 -8.12
N VAL B 140 10.75 10.06 -6.84
CA VAL B 140 12.09 9.92 -6.33
C VAL B 140 12.91 8.79 -6.94
N LEU B 141 12.28 7.64 -7.12
CA LEU B 141 12.95 6.52 -7.76
C LEU B 141 13.38 6.94 -9.17
N ALA B 142 12.53 7.59 -9.94
CA ALA B 142 12.95 8.07 -11.25
C ALA B 142 14.14 8.99 -11.17
N TYR B 143 14.12 9.91 -10.17
CA TYR B 143 15.24 10.87 -10.04
C TYR B 143 16.55 10.12 -9.81
N LEU B 144 16.52 9.11 -8.96
CA LEU B 144 17.72 8.37 -8.66
C LEU B 144 18.23 7.61 -9.87
N MET B 145 17.32 7.12 -10.70
CA MET B 145 17.71 6.39 -11.93
C MET B 145 18.28 7.38 -12.96
N LEU B 146 17.67 8.56 -13.09
CA LEU B 146 18.08 9.54 -14.11
C LEU B 146 19.35 10.29 -13.75
N HIS B 147 19.49 10.63 -12.49
CA HIS B 147 20.62 11.47 -12.09
C HIS B 147 21.66 10.95 -11.10
N GLN B 148 21.46 9.77 -10.52
CA GLN B 148 22.38 9.19 -9.60
C GLN B 148 22.84 7.80 -10.03
N ARG B 149 22.62 7.50 -11.30
CA ARG B 149 23.16 6.32 -12.00
C ARG B 149 22.71 5.00 -11.36
N LEU B 150 21.52 4.97 -10.73
CA LEU B 150 21.08 3.73 -10.13
C LEU B 150 20.23 2.93 -11.09
N SER B 151 20.31 1.61 -10.95
CA SER B 151 19.27 0.78 -11.56
C SER B 151 17.98 0.91 -10.71
N LEU B 152 16.88 0.43 -11.26
CA LEU B 152 15.63 0.41 -10.51
C LEU B 152 15.75 -0.38 -9.28
N ARG B 153 16.25 -1.64 -9.37
CA ARG B 153 16.50 -2.37 -8.15
C ARG B 153 17.30 -1.57 -7.15
N GLN B 154 18.44 -0.99 -7.55
CA GLN B 154 19.31 -0.30 -6.60
C GLN B 154 18.60 0.92 -6.02
N ALA B 155 17.79 1.57 -6.83
CA ALA B 155 16.97 2.69 -6.34
C ALA B 155 15.91 2.29 -5.29
N VAL B 156 15.26 1.16 -5.50
CA VAL B 156 14.36 0.62 -4.49
C VAL B 156 15.08 0.27 -3.25
N ILE B 157 16.23 -0.39 -3.45
CA ILE B 157 17.00 -0.86 -2.34
C ILE B 157 17.40 0.34 -1.45
N THR B 158 17.72 1.44 -2.13
CA THR B 158 18.18 2.68 -1.47
C THR B 158 17.06 3.30 -0.64
N VAL B 159 15.95 3.51 -1.28
CA VAL B 159 14.84 4.17 -0.65
C VAL B 159 14.20 3.34 0.46
N ARG B 160 14.04 2.02 0.25
CA ARG B 160 13.27 1.18 1.16
C ARG B 160 13.94 1.02 2.51
N GLN B 161 15.25 1.24 2.61
CA GLN B 161 15.85 1.21 3.91
C GLN B 161 15.30 2.30 4.82
N HIS B 162 14.95 3.47 4.25
CA HIS B 162 14.55 4.60 5.07
C HIS B 162 13.05 4.88 5.14
N ARG B 163 12.27 4.38 4.19
CA ARG B 163 10.82 4.57 4.22
C ARG B 163 10.13 3.41 3.55
N TRP B 164 9.00 2.99 4.11
CA TRP B 164 8.15 2.04 3.41
C TRP B 164 7.40 2.77 2.30
N VAL B 165 7.67 2.33 1.06
CA VAL B 165 7.06 2.90 -0.13
C VAL B 165 6.55 1.76 -0.99
N PHE B 166 5.56 2.07 -1.81
CA PHE B 166 4.90 0.99 -2.58
C PHE B 166 4.13 1.63 -3.72
N PRO B 167 4.87 1.98 -4.77
CA PRO B 167 4.21 2.48 -5.97
C PRO B 167 3.18 1.49 -6.56
N ASN B 168 2.05 2.01 -7.08
CA ASN B 168 1.02 1.16 -7.62
C ASN B 168 1.62 0.39 -8.85
N ARG B 169 0.98 -0.71 -9.28
CA ARG B 169 1.56 -1.58 -10.32
C ARG B 169 1.72 -0.88 -11.67
N GLY B 170 0.89 0.12 -11.96
CA GLY B 170 1.04 0.95 -13.19
C GLY B 170 2.36 1.71 -13.11
N PHE B 171 2.55 2.37 -11.97
CA PHE B 171 3.77 3.09 -11.77
C PHE B 171 4.98 2.15 -11.83
N LEU B 172 4.87 0.94 -11.25
CA LEU B 172 5.98 -0.04 -11.27
C LEU B 172 6.32 -0.44 -12.71
N HIS B 173 5.27 -0.57 -13.53
CA HIS B 173 5.52 -0.83 -14.95
C HIS B 173 6.25 0.32 -15.60
N GLN B 174 5.77 1.53 -15.31
CA GLN B 174 6.40 2.73 -15.87
C GLN B 174 7.86 2.93 -15.45
N LEU B 175 8.18 2.69 -14.17
CA LEU B 175 9.58 2.67 -13.74
C LEU B 175 10.45 1.56 -14.37
N ALA B 176 9.90 0.35 -14.44
CA ALA B 176 10.60 -0.76 -15.15
C ALA B 176 10.88 -0.40 -16.63
N ARG B 177 9.99 0.34 -17.28
CA ARG B 177 10.22 0.75 -18.64
C ARG B 177 11.37 1.70 -18.67
N LEU B 178 11.38 2.65 -17.75
CA LEU B 178 12.51 3.58 -17.62
C LEU B 178 13.84 2.85 -17.36
N ASP B 179 13.81 1.85 -16.49
CA ASP B 179 14.99 1.06 -16.25
C ASP B 179 15.54 0.44 -17.56
N GLN B 180 14.63 -0.16 -18.30
CA GLN B 180 14.94 -0.74 -19.62
C GLN B 180 15.52 0.28 -20.58
N GLN B 181 14.94 1.48 -20.66
CA GLN B 181 15.49 2.50 -21.55
C GLN B 181 16.87 2.96 -21.13
N LEU B 182 17.04 3.26 -19.84
CA LEU B 182 18.30 3.78 -19.35
C LEU B 182 19.47 2.79 -19.44
N ARG B 183 19.23 1.48 -19.20
CA ARG B 183 20.29 0.48 -19.10
C ARG B 183 20.45 -0.37 -20.38
N GLY B 184 19.61 -0.19 -21.39
CA GLY B 184 19.57 -1.18 -22.48
C GLY B 184 19.17 -2.55 -21.93
N ALA B 185 17.95 -2.62 -21.41
CA ALA B 185 17.34 -3.80 -20.73
C ALA B 185 18.10 -4.26 -19.50
#